data_5SRB
#
_entry.id   5SRB
#
_cell.length_a   88.735
_cell.length_b   88.735
_cell.length_c   39.544
_cell.angle_alpha   90.000
_cell.angle_beta   90.000
_cell.angle_gamma   90.000
#
_symmetry.space_group_name_H-M   'P 43'
#
loop_
_entity.id
_entity.type
_entity.pdbx_description
1 polymer 'Non-structural protein 3'
2 non-polymer '(8R)-8-fluoro-6-(7-fluoro-9H-pyrimido[4,5-b]indol-4-yl)-2-oxa-6-azaspiro[3.4]octane-8-carboxylic acid'
3 non-polymer '(8S)-8-fluoro-6-(7-fluoro-9H-pyrimido[4,5-b]indol-4-yl)-2-oxa-6-azaspiro[3.4]octane-8-carboxylic acid'
4 water water
#
_entity_poly.entity_id   1
_entity_poly.type   'polypeptide(L)'
_entity_poly.pdbx_seq_one_letter_code
;SMVNSFSGYLKLTDNVYIKNADIVEEAKKVKPTVVVNAANVYLKHGGGVAGALNKATNNAMQVESDDYIATNGPLKVGGS
CVLSGHNLAKHCLHVVGPNVNKGEDIQLLKSAYENFNQHEVLLAPLLSAGIFGADPIHSLRVCVDTVRTNVYLAVFDKNL
YDKLVSSFL
;
_entity_poly.pdbx_strand_id   A,B
#
# COMPACT_ATOMS: atom_id res chain seq x y z
N VAL A 3 -21.88 6.17 -12.52
CA VAL A 3 -21.46 6.33 -13.91
C VAL A 3 -20.20 7.21 -13.98
N ASN A 4 -19.22 6.81 -14.79
CA ASN A 4 -18.02 7.60 -15.07
C ASN A 4 -17.85 7.72 -16.60
N SER A 5 -16.81 8.45 -17.01
CA SER A 5 -16.58 8.88 -18.39
C SER A 5 -15.69 7.93 -19.19
N PHE A 6 -15.21 6.84 -18.61
CA PHE A 6 -14.39 5.88 -19.35
C PHE A 6 -15.25 5.17 -20.41
N SER A 7 -14.72 5.08 -21.64
CA SER A 7 -15.49 4.59 -22.79
C SER A 7 -14.73 3.50 -23.54
N GLY A 8 -15.46 2.49 -24.05
CA GLY A 8 -14.85 1.49 -24.91
C GLY A 8 -14.10 0.40 -24.19
N TYR A 9 -14.26 0.26 -22.88
CA TYR A 9 -13.54 -0.75 -22.12
C TYR A 9 -14.32 -2.05 -22.12
N LEU A 10 -13.57 -3.13 -22.10
N LEU A 10 -13.56 -3.15 -22.09
CA LEU A 10 -14.13 -4.44 -21.87
CA LEU A 10 -14.10 -4.49 -21.91
C LEU A 10 -14.10 -4.70 -20.38
C LEU A 10 -14.07 -4.78 -20.41
N LYS A 11 -15.19 -5.26 -19.86
CA LYS A 11 -15.31 -5.53 -18.43
C LYS A 11 -14.72 -6.92 -18.16
N LEU A 12 -13.69 -7.02 -17.31
CA LEU A 12 -13.13 -8.33 -16.97
C LEU A 12 -13.75 -8.91 -15.71
N THR A 13 -13.99 -8.07 -14.71
CA THR A 13 -14.55 -8.47 -13.44
C THR A 13 -15.49 -7.37 -12.93
N ASP A 14 -15.98 -7.56 -11.70
CA ASP A 14 -16.81 -6.55 -11.07
C ASP A 14 -16.15 -5.18 -11.12
N ASN A 15 -14.80 -5.14 -10.96
CA ASN A 15 -14.11 -3.87 -10.73
C ASN A 15 -12.96 -3.57 -11.70
N VAL A 16 -12.63 -4.48 -12.61
CA VAL A 16 -11.49 -4.31 -13.51
C VAL A 16 -11.99 -4.27 -14.95
N TYR A 17 -11.53 -3.25 -15.68
CA TYR A 17 -11.86 -2.98 -17.07
C TYR A 17 -10.57 -2.83 -17.87
N ILE A 18 -10.61 -3.12 -19.17
CA ILE A 18 -9.40 -3.09 -20.00
C ILE A 18 -9.72 -2.57 -21.40
N LYS A 19 -8.75 -1.86 -21.98
CA LYS A 19 -8.89 -1.27 -23.31
C LYS A 19 -7.53 -1.22 -24.00
N ASN A 20 -7.50 -1.43 -25.31
CA ASN A 20 -6.31 -1.16 -26.13
C ASN A 20 -6.25 0.34 -26.36
N ALA A 21 -5.35 1.01 -25.65
CA ALA A 21 -5.25 2.45 -25.71
C ALA A 21 -3.90 2.90 -25.22
N ASP A 22 -3.50 4.07 -25.71
CA ASP A 22 -2.35 4.83 -25.21
C ASP A 22 -2.79 5.58 -23.97
N ILE A 23 -2.21 5.23 -22.82
CA ILE A 23 -2.60 5.84 -21.54
C ILE A 23 -2.47 7.36 -21.57
N VAL A 24 -1.51 7.89 -22.34
CA VAL A 24 -1.36 9.35 -22.47
C VAL A 24 -2.60 9.96 -23.10
N GLU A 25 -3.02 9.38 -24.24
CA GLU A 25 -4.18 9.87 -24.97
C GLU A 25 -5.45 9.66 -24.17
N GLU A 26 -5.53 8.54 -23.46
CA GLU A 26 -6.69 8.28 -22.61
C GLU A 26 -6.77 9.29 -21.47
N ALA A 27 -5.65 9.58 -20.82
CA ALA A 27 -5.64 10.57 -19.74
C ALA A 27 -6.04 11.94 -20.25
N LYS A 28 -5.50 12.35 -21.40
CA LYS A 28 -5.82 13.66 -21.97
C LYS A 28 -7.30 13.81 -22.24
N LYS A 29 -7.99 12.73 -22.54
N LYS A 29 -7.97 12.72 -22.65
CA LYS A 29 -9.39 12.86 -22.89
CA LYS A 29 -9.40 12.73 -23.00
C LYS A 29 -10.30 12.73 -21.68
C LYS A 29 -10.29 12.69 -21.75
N VAL A 30 -10.00 11.79 -20.81
CA VAL A 30 -10.83 11.57 -19.62
C VAL A 30 -10.53 12.58 -18.52
N LYS A 31 -9.27 12.97 -18.35
CA LYS A 31 -8.83 13.78 -17.21
C LYS A 31 -9.28 13.09 -15.91
N PRO A 32 -8.85 11.85 -15.69
CA PRO A 32 -9.29 11.10 -14.52
C PRO A 32 -8.78 11.74 -13.23
N THR A 33 -9.43 11.39 -12.13
CA THR A 33 -8.94 11.81 -10.82
C THR A 33 -7.53 11.30 -10.58
N VAL A 34 -7.24 10.06 -10.97
CA VAL A 34 -5.94 9.43 -10.75
C VAL A 34 -5.49 8.72 -12.02
N VAL A 35 -4.31 9.07 -12.50
CA VAL A 35 -3.57 8.26 -13.47
C VAL A 35 -2.38 7.64 -12.76
N VAL A 36 -2.16 6.35 -12.99
CA VAL A 36 -1.03 5.63 -12.41
C VAL A 36 0.16 5.70 -13.37
N ASN A 37 1.32 6.04 -12.81
CA ASN A 37 2.59 5.94 -13.51
C ASN A 37 3.34 4.69 -13.11
N ALA A 38 3.95 4.03 -14.10
CA ALA A 38 4.88 2.92 -13.91
C ALA A 38 6.24 3.50 -13.56
N ALA A 39 6.41 3.85 -12.30
CA ALA A 39 7.58 4.57 -11.81
C ALA A 39 8.70 3.62 -11.39
N ASN A 40 9.89 4.18 -11.26
CA ASN A 40 10.99 3.55 -10.54
C ASN A 40 11.23 4.31 -9.24
N VAL A 41 12.09 3.75 -8.39
CA VAL A 41 12.26 4.30 -7.03
C VAL A 41 12.83 5.70 -7.04
N TYR A 42 13.52 6.08 -8.10
CA TYR A 42 14.14 7.40 -8.21
C TYR A 42 13.24 8.41 -8.89
N LEU A 43 12.05 7.97 -9.32
CA LEU A 43 11.15 8.80 -10.13
C LEU A 43 11.87 9.44 -11.32
N LYS A 44 12.73 8.65 -11.95
CA LYS A 44 13.42 9.05 -13.19
C LYS A 44 12.60 8.53 -14.35
N HIS A 45 11.86 9.44 -14.99
CA HIS A 45 10.83 9.06 -15.97
C HIS A 45 11.42 9.07 -17.38
N GLY A 46 12.28 8.08 -17.65
CA GLY A 46 13.06 8.10 -18.89
C GLY A 46 12.41 7.43 -20.08
N GLY A 47 11.64 6.39 -19.84
CA GLY A 47 11.14 5.55 -20.91
C GLY A 47 9.90 4.79 -20.48
N GLY A 48 9.39 3.98 -21.39
CA GLY A 48 8.17 3.26 -21.09
C GLY A 48 7.01 4.21 -20.86
N VAL A 49 6.06 3.75 -20.04
CA VAL A 49 4.93 4.58 -19.66
C VAL A 49 5.40 5.88 -19.00
N ALA A 50 6.37 5.78 -18.09
CA ALA A 50 6.81 6.97 -17.36
C ALA A 50 7.38 8.03 -18.30
N GLY A 51 8.23 7.60 -19.24
CA GLY A 51 8.80 8.56 -20.18
C GLY A 51 7.72 9.21 -21.02
N ALA A 52 6.70 8.44 -21.42
CA ALA A 52 5.62 8.98 -22.22
C ALA A 52 4.75 9.95 -21.43
N LEU A 53 4.36 9.59 -20.20
CA LEU A 53 3.59 10.51 -19.37
C LEU A 53 4.36 11.79 -19.12
N ASN A 54 5.64 11.66 -18.76
CA ASN A 54 6.42 12.85 -18.46
C ASN A 54 6.54 13.76 -19.69
N LYS A 55 6.78 13.17 -20.87
CA LYS A 55 6.88 13.96 -22.09
C LYS A 55 5.60 14.74 -22.33
N ALA A 56 4.45 14.11 -22.08
CA ALA A 56 3.16 14.76 -22.28
C ALA A 56 2.96 15.95 -21.33
N THR A 57 3.63 15.97 -20.18
CA THR A 57 3.62 17.11 -19.25
C THR A 57 4.69 18.14 -19.54
N ASN A 58 5.42 18.00 -20.66
CA ASN A 58 6.48 18.95 -21.01
C ASN A 58 7.57 18.98 -19.94
N ASN A 59 7.82 17.82 -19.32
CA ASN A 59 8.84 17.60 -18.29
C ASN A 59 8.45 18.16 -16.92
N ALA A 60 7.23 18.69 -16.75
CA ALA A 60 6.85 19.19 -15.44
C ALA A 60 6.75 18.06 -14.42
N MET A 61 6.33 16.87 -14.85
CA MET A 61 6.32 15.71 -13.96
C MET A 61 7.73 15.43 -13.41
N GLN A 62 8.75 15.48 -14.27
CA GLN A 62 10.12 15.22 -13.82
C GLN A 62 10.60 16.30 -12.84
N VAL A 63 10.29 17.56 -13.12
CA VAL A 63 10.71 18.64 -12.22
C VAL A 63 10.10 18.46 -10.84
N GLU A 64 8.80 18.17 -10.79
CA GLU A 64 8.13 17.92 -9.52
C GLU A 64 8.72 16.71 -8.81
N SER A 65 9.00 15.65 -9.58
CA SER A 65 9.54 14.42 -9.02
C SER A 65 10.93 14.63 -8.43
N ASP A 66 11.77 15.42 -9.09
CA ASP A 66 13.11 15.66 -8.57
C ASP A 66 13.06 16.38 -7.23
N ASP A 67 12.14 17.33 -7.09
CA ASP A 67 11.95 17.97 -5.79
C ASP A 67 11.46 16.97 -4.75
N TYR A 68 10.54 16.07 -5.12
CA TYR A 68 10.04 15.07 -4.18
C TYR A 68 11.19 14.20 -3.67
N ILE A 69 12.05 13.72 -4.58
CA ILE A 69 13.16 12.84 -4.18
C ILE A 69 14.18 13.61 -3.34
N ALA A 70 14.47 14.84 -3.71
CA ALA A 70 15.41 15.64 -2.91
C ALA A 70 14.93 15.80 -1.48
N THR A 71 13.63 15.87 -1.26
CA THR A 71 13.08 16.01 0.08
C THR A 71 12.95 14.68 0.82
N ASN A 72 12.49 13.64 0.12
CA ASN A 72 12.04 12.41 0.76
C ASN A 72 12.91 11.19 0.52
N GLY A 73 13.84 11.26 -0.43
CA GLY A 73 14.59 10.08 -0.82
C GLY A 73 13.76 9.14 -1.67
N PRO A 74 14.37 8.04 -2.12
CA PRO A 74 13.70 7.13 -3.05
C PRO A 74 12.50 6.44 -2.44
N LEU A 75 11.60 6.03 -3.32
CA LEU A 75 10.51 5.13 -2.94
C LEU A 75 11.07 3.73 -2.67
N LYS A 76 10.22 2.88 -2.10
CA LYS A 76 10.44 1.44 -1.99
C LYS A 76 9.90 0.75 -3.24
N VAL A 77 10.57 -0.34 -3.67
CA VAL A 77 9.93 -1.23 -4.64
C VAL A 77 8.67 -1.80 -4.00
N GLY A 78 7.54 -1.67 -4.70
CA GLY A 78 6.24 -2.00 -4.15
C GLY A 78 5.50 -0.81 -3.57
N GLY A 79 6.18 0.35 -3.45
CA GLY A 79 5.59 1.53 -2.86
C GLY A 79 5.09 2.52 -3.90
N SER A 80 4.63 3.67 -3.39
CA SER A 80 4.01 4.68 -4.22
C SER A 80 4.07 6.04 -3.56
N CYS A 81 3.81 7.07 -4.36
CA CYS A 81 3.53 8.39 -3.84
C CYS A 81 2.52 9.07 -4.76
N VAL A 82 1.76 10.00 -4.19
CA VAL A 82 0.79 10.81 -4.92
C VAL A 82 1.42 12.16 -5.23
N LEU A 83 1.50 12.51 -6.51
CA LEU A 83 1.95 13.82 -6.93
C LEU A 83 0.89 14.40 -7.87
N SER A 84 1.20 15.57 -8.43
CA SER A 84 0.26 16.21 -9.36
C SER A 84 0.06 15.37 -10.61
N GLY A 85 -1.14 15.45 -11.18
CA GLY A 85 -1.41 14.89 -12.49
C GLY A 85 -1.15 15.85 -13.62
N HIS A 86 -0.73 17.08 -13.31
CA HIS A 86 -0.37 18.07 -14.34
C HIS A 86 -1.55 18.23 -15.29
N ASN A 87 -1.31 18.20 -16.60
CA ASN A 87 -2.33 18.37 -17.62
C ASN A 87 -3.05 17.07 -17.95
N LEU A 88 -2.72 15.97 -17.27
CA LEU A 88 -3.25 14.67 -17.61
C LEU A 88 -4.36 14.15 -16.69
N ALA A 89 -4.38 14.58 -15.43
CA ALA A 89 -5.25 14.04 -14.40
C ALA A 89 -5.17 14.98 -13.22
N LYS A 90 -6.06 14.83 -12.22
N LYS A 90 -6.07 14.81 -12.25
CA LYS A 90 -5.91 15.59 -10.99
CA LYS A 90 -5.94 15.57 -11.02
C LYS A 90 -4.63 15.19 -10.27
C LYS A 90 -4.65 15.19 -10.29
N HIS A 91 -4.44 13.88 -10.13
CA HIS A 91 -3.31 13.33 -9.41
C HIS A 91 -2.65 12.25 -10.26
N CYS A 92 -1.34 12.09 -10.04
CA CYS A 92 -0.62 10.93 -10.54
C CYS A 92 -0.16 10.09 -9.35
N LEU A 93 -0.58 8.83 -9.35
CA LEU A 93 -0.08 7.86 -8.38
C LEU A 93 1.12 7.15 -9.01
N HIS A 94 2.32 7.49 -8.54
CA HIS A 94 3.55 6.87 -9.01
C HIS A 94 3.73 5.57 -8.23
N VAL A 95 3.64 4.43 -8.92
CA VAL A 95 3.72 3.12 -8.28
C VAL A 95 4.92 2.38 -8.83
N VAL A 96 5.74 1.82 -7.94
CA VAL A 96 6.94 1.09 -8.31
C VAL A 96 6.66 -0.41 -8.27
N GLY A 97 6.47 -1.01 -9.44
CA GLY A 97 6.48 -2.44 -9.54
C GLY A 97 7.90 -2.96 -9.62
N PRO A 98 8.13 -4.23 -9.27
CA PRO A 98 9.47 -4.80 -9.43
C PRO A 98 9.89 -4.82 -10.91
N ASN A 99 11.15 -4.50 -11.14
CA ASN A 99 11.76 -4.55 -12.47
C ASN A 99 12.57 -5.84 -12.57
N VAL A 100 12.04 -6.80 -13.34
CA VAL A 100 12.70 -8.09 -13.54
C VAL A 100 14.08 -7.90 -14.18
N ASN A 101 14.21 -6.88 -15.03
N ASN A 101 14.22 -6.92 -15.08
CA ASN A 101 15.51 -6.60 -15.61
CA ASN A 101 15.51 -6.63 -15.72
C ASN A 101 16.51 -6.01 -14.62
C ASN A 101 16.54 -6.01 -14.75
N LYS A 102 16.08 -5.76 -13.37
N LYS A 102 16.16 -5.79 -13.47
CA LYS A 102 16.99 -5.43 -12.27
CA LYS A 102 17.09 -5.44 -12.38
C LYS A 102 17.10 -6.51 -11.23
C LYS A 102 17.21 -6.54 -11.33
N GLY A 103 16.46 -7.64 -11.45
CA GLY A 103 16.49 -8.73 -10.47
C GLY A 103 15.58 -8.62 -9.25
N GLU A 104 14.53 -7.79 -9.29
CA GLU A 104 13.66 -7.56 -8.14
C GLU A 104 12.59 -8.66 -8.01
N ASP A 105 12.14 -8.88 -6.79
N ASP A 105 12.17 -8.90 -6.75
CA ASP A 105 11.30 -10.01 -6.48
CA ASP A 105 11.29 -10.02 -6.40
C ASP A 105 9.89 -9.75 -7.00
C ASP A 105 9.88 -9.78 -6.93
N ILE A 106 9.40 -10.69 -7.82
CA ILE A 106 8.11 -10.52 -8.48
C ILE A 106 6.98 -10.57 -7.47
N GLN A 107 7.19 -11.20 -6.32
N GLN A 107 7.18 -11.20 -6.29
CA GLN A 107 6.16 -11.18 -5.29
CA GLN A 107 6.19 -11.19 -5.21
C GLN A 107 5.83 -9.77 -4.87
C GLN A 107 5.87 -9.77 -4.78
N LEU A 108 6.74 -8.82 -5.09
CA LEU A 108 6.47 -7.42 -4.75
C LEU A 108 5.41 -6.83 -5.66
N LEU A 109 5.03 -7.53 -6.73
CA LEU A 109 4.01 -7.00 -7.62
C LEU A 109 2.66 -6.88 -6.90
N LYS A 110 2.33 -7.82 -6.02
CA LYS A 110 1.07 -7.71 -5.27
C LYS A 110 1.09 -6.47 -4.38
N SER A 111 2.21 -6.24 -3.66
CA SER A 111 2.32 -5.05 -2.83
C SER A 111 2.15 -3.78 -3.67
N ALA A 112 2.72 -3.76 -4.87
CA ALA A 112 2.59 -2.60 -5.75
C ALA A 112 1.12 -2.33 -6.08
N TYR A 113 0.38 -3.37 -6.47
CA TYR A 113 -1.03 -3.19 -6.79
C TYR A 113 -1.87 -2.80 -5.58
N GLU A 114 -1.46 -3.17 -4.37
CA GLU A 114 -2.23 -2.79 -3.18
C GLU A 114 -2.36 -1.28 -3.07
N ASN A 115 -1.39 -0.52 -3.60
CA ASN A 115 -1.49 0.94 -3.55
C ASN A 115 -2.74 1.44 -4.26
N PHE A 116 -3.22 0.70 -5.28
CA PHE A 116 -4.41 1.16 -6.00
C PHE A 116 -5.64 1.20 -5.10
N ASN A 117 -5.67 0.40 -4.03
CA ASN A 117 -6.87 0.30 -3.18
C ASN A 117 -7.11 1.56 -2.37
N GLN A 118 -6.16 2.49 -2.35
CA GLN A 118 -6.33 3.76 -1.65
C GLN A 118 -7.08 4.79 -2.51
N HIS A 119 -7.50 4.41 -3.72
CA HIS A 119 -8.16 5.30 -4.67
C HIS A 119 -9.37 4.61 -5.26
N GLU A 120 -10.51 5.32 -5.26
CA GLU A 120 -11.77 4.69 -5.64
C GLU A 120 -11.80 4.31 -7.12
N VAL A 121 -11.20 5.13 -7.97
CA VAL A 121 -11.17 4.92 -9.42
C VAL A 121 -9.80 5.34 -9.95
N LEU A 122 -9.22 4.54 -10.85
CA LEU A 122 -7.91 4.85 -11.42
C LEU A 122 -7.84 4.43 -12.88
N LEU A 123 -7.09 5.21 -13.65
CA LEU A 123 -6.61 4.83 -14.99
C LEU A 123 -5.18 4.35 -14.83
N ALA A 124 -4.89 3.15 -15.32
CA ALA A 124 -3.57 2.61 -15.02
C ALA A 124 -3.02 1.72 -16.12
N PRO A 125 -1.70 1.55 -16.16
N PRO A 125 -1.74 1.62 -16.25
CA PRO A 125 -1.07 0.51 -16.97
CA PRO A 125 -1.14 0.68 -17.20
C PRO A 125 -0.92 -0.76 -16.14
C PRO A 125 -0.96 -0.65 -16.50
N LEU A 126 -0.60 -1.84 -16.82
N LEU A 126 -0.41 -1.65 -17.18
CA LEU A 126 -0.23 -3.07 -16.14
CA LEU A 126 0.00 -2.88 -16.52
C LEU A 126 1.15 -2.93 -15.50
C LEU A 126 1.32 -2.63 -15.78
N LEU A 127 1.19 -3.03 -14.17
N LEU A 127 1.48 -3.23 -14.58
CA LEU A 127 2.44 -2.83 -13.44
CA LEU A 127 2.69 -3.00 -13.78
C LEU A 127 3.44 -3.93 -13.80
C LEU A 127 3.67 -4.16 -13.97
N SER A 128 4.70 -3.51 -13.89
N SER A 128 4.98 -3.84 -13.97
CA SER A 128 5.85 -4.37 -14.19
CA SER A 128 6.09 -4.80 -14.02
C SER A 128 5.84 -4.93 -15.62
C SER A 128 6.28 -5.52 -15.36
N ALA A 129 4.89 -4.52 -16.45
N ALA A 129 5.47 -5.23 -16.37
CA ALA A 129 4.86 -4.92 -17.86
CA ALA A 129 5.59 -5.87 -17.68
C ALA A 129 5.86 -4.08 -18.66
C ALA A 129 6.32 -4.93 -18.66
N GLY A 130 5.86 -4.27 -19.97
N GLY A 130 6.17 -5.20 -19.96
CA GLY A 130 6.72 -3.46 -20.83
CA GLY A 130 6.91 -4.42 -20.96
C GLY A 130 8.18 -3.62 -20.44
C GLY A 130 8.38 -4.40 -20.58
N ILE A 131 8.88 -2.49 -20.36
N ILE A 131 8.98 -3.20 -20.55
CA ILE A 131 10.32 -2.51 -20.08
CA ILE A 131 10.43 -3.08 -20.33
C ILE A 131 10.65 -2.97 -18.67
C ILE A 131 10.85 -3.41 -18.91
N PHE A 132 9.67 -3.14 -17.79
N PHE A 132 9.91 -3.64 -17.98
CA PHE A 132 9.94 -3.71 -16.47
CA PHE A 132 10.24 -4.06 -16.63
C PHE A 132 10.08 -5.24 -16.50
C PHE A 132 10.57 -5.55 -16.53
N GLY A 133 9.76 -5.88 -17.61
N GLY A 133 10.19 -6.37 -17.54
CA GLY A 133 10.18 -7.24 -17.85
CA GLY A 133 10.68 -7.74 -17.66
C GLY A 133 9.31 -8.35 -17.32
C GLY A 133 9.75 -8.86 -17.24
N ALA A 134 8.19 -8.05 -16.64
N ALA A 134 8.60 -8.60 -16.62
CA ALA A 134 7.33 -9.11 -16.16
CA ALA A 134 7.75 -9.71 -16.17
C ALA A 134 6.39 -9.57 -17.26
C ALA A 134 6.66 -10.06 -17.19
N ASP A 135 5.79 -10.74 -17.05
N ASP A 135 5.95 -11.17 -16.92
CA ASP A 135 4.78 -11.26 -17.95
CA ASP A 135 4.92 -11.68 -17.82
C ASP A 135 3.49 -10.48 -17.77
C ASP A 135 3.63 -10.86 -17.66
N PRO A 136 3.00 -9.77 -18.78
N PRO A 136 3.10 -10.25 -18.74
CA PRO A 136 1.75 -8.98 -18.59
CA PRO A 136 1.88 -9.44 -18.62
C PRO A 136 0.54 -9.82 -18.24
C PRO A 136 0.66 -10.25 -18.19
N ILE A 137 0.47 -11.08 -18.68
N ILE A 137 0.49 -11.48 -18.69
CA ILE A 137 -0.63 -11.95 -18.28
CA ILE A 137 -0.65 -12.30 -18.25
C ILE A 137 -0.61 -12.18 -16.76
C ILE A 137 -0.62 -12.40 -16.75
N HIS A 138 0.58 -12.47 -16.18
CA HIS A 138 0.71 -12.56 -14.73
C HIS A 138 0.34 -11.24 -14.06
N SER A 139 0.81 -10.12 -14.60
CA SER A 139 0.46 -8.83 -14.02
C SER A 139 -1.04 -8.61 -13.98
N LEU A 140 -1.74 -8.96 -15.05
CA LEU A 140 -3.19 -8.82 -15.07
C LEU A 140 -3.85 -9.70 -14.00
N ARG A 141 -3.36 -10.93 -13.84
CA ARG A 141 -3.93 -11.82 -12.84
C ARG A 141 -3.74 -11.22 -11.43
N VAL A 142 -2.54 -10.74 -11.12
CA VAL A 142 -2.30 -10.12 -9.81
C VAL A 142 -3.20 -8.90 -9.63
N CYS A 143 -3.34 -8.09 -10.68
CA CYS A 143 -4.23 -6.93 -10.59
C CYS A 143 -5.63 -7.35 -10.19
N VAL A 144 -6.20 -8.32 -10.91
CA VAL A 144 -7.57 -8.75 -10.66
C VAL A 144 -7.72 -9.32 -9.27
N ASP A 145 -6.70 -10.03 -8.79
CA ASP A 145 -6.76 -10.69 -7.49
C ASP A 145 -6.35 -9.79 -6.33
N THR A 146 -5.95 -8.54 -6.59
CA THR A 146 -5.46 -7.64 -5.55
C THR A 146 -6.24 -6.35 -5.45
N VAL A 147 -6.55 -5.72 -6.58
CA VAL A 147 -7.23 -4.45 -6.60
C VAL A 147 -8.72 -4.68 -6.42
N ARG A 148 -9.31 -3.96 -5.46
CA ARG A 148 -10.74 -4.02 -5.18
C ARG A 148 -11.46 -2.75 -5.60
N THR A 149 -10.74 -1.66 -5.84
CA THR A 149 -11.31 -0.42 -6.35
C THR A 149 -11.42 -0.52 -7.86
N ASN A 150 -12.01 0.49 -8.48
CA ASN A 150 -12.36 0.43 -9.90
C ASN A 150 -11.17 0.86 -10.75
N VAL A 151 -10.62 -0.07 -11.51
CA VAL A 151 -9.41 0.17 -12.28
C VAL A 151 -9.69 -0.02 -13.77
N TYR A 152 -9.28 0.98 -14.54
CA TYR A 152 -9.38 1.05 -15.99
C TYR A 152 -7.98 0.90 -16.55
N LEU A 153 -7.69 -0.28 -17.12
CA LEU A 153 -6.36 -0.61 -17.61
C LEU A 153 -6.23 -0.25 -19.08
N ALA A 154 -5.19 0.51 -19.41
CA ALA A 154 -4.86 0.86 -20.78
C ALA A 154 -3.66 0.03 -21.22
N VAL A 155 -3.82 -0.72 -22.30
CA VAL A 155 -2.77 -1.55 -22.86
C VAL A 155 -2.42 -1.00 -24.23
N PHE A 156 -1.20 -0.46 -24.37
CA PHE A 156 -0.75 0.18 -25.60
C PHE A 156 -0.74 -0.75 -26.79
N ASP A 157 -0.22 -1.93 -26.62
N ASP A 157 -0.15 -1.95 -26.61
CA ASP A 157 0.03 -2.82 -27.75
CA ASP A 157 0.09 -2.94 -27.67
C ASP A 157 -1.21 -3.64 -28.05
C ASP A 157 -1.22 -3.66 -28.03
N LYS A 158 -1.64 -3.56 -29.30
CA LYS A 158 -2.91 -4.21 -29.69
C LYS A 158 -2.73 -5.72 -29.65
N ASN A 159 -1.59 -6.19 -30.13
CA ASN A 159 -1.32 -7.62 -30.09
C ASN A 159 -1.37 -8.16 -28.66
N LEU A 160 -0.79 -7.44 -27.71
CA LEU A 160 -0.80 -7.89 -26.33
C LEU A 160 -2.21 -7.81 -25.74
N TYR A 161 -2.91 -6.72 -26.02
CA TYR A 161 -4.30 -6.59 -25.56
C TYR A 161 -5.13 -7.81 -25.96
N ASP A 162 -5.06 -8.20 -27.23
CA ASP A 162 -5.85 -9.35 -27.70
C ASP A 162 -5.44 -10.60 -26.96
N LYS A 163 -4.18 -10.71 -26.66
N LYS A 163 -4.13 -10.79 -26.73
CA LYS A 163 -3.72 -11.90 -25.97
CA LYS A 163 -3.65 -11.96 -25.99
C LYS A 163 -4.17 -11.93 -24.53
C LYS A 163 -4.16 -11.94 -24.54
N LEU A 164 -4.11 -10.78 -23.89
CA LEU A 164 -4.58 -10.68 -22.51
C LEU A 164 -6.05 -11.04 -22.39
N VAL A 165 -6.88 -10.52 -23.30
CA VAL A 165 -8.32 -10.82 -23.29
C VAL A 165 -8.54 -12.31 -23.55
N SER A 166 -7.93 -12.83 -24.60
CA SER A 166 -8.21 -14.19 -25.03
C SER A 166 -7.74 -15.23 -24.02
N SER A 167 -6.75 -14.89 -23.18
CA SER A 167 -6.23 -15.83 -22.20
C SER A 167 -6.78 -15.58 -20.80
N PHE A 168 -7.68 -14.63 -20.64
CA PHE A 168 -8.13 -14.25 -19.31
C PHE A 168 -9.05 -15.31 -18.73
N LEU A 169 -8.78 -15.75 -17.50
CA LEU A 169 -9.62 -16.74 -16.86
C LEU A 169 -10.62 -16.06 -15.93
N SER B 1 24.41 -3.53 18.49
CA SER B 1 23.04 -3.17 18.98
C SER B 1 21.92 -4.14 18.55
N MET B 2 20.95 -4.29 19.47
N MET B 2 20.94 -4.22 19.41
CA MET B 2 19.81 -5.18 19.29
CA MET B 2 19.82 -5.17 19.33
C MET B 2 18.59 -4.36 18.89
C MET B 2 18.56 -4.41 18.92
N VAL B 3 18.09 -4.61 17.68
CA VAL B 3 16.82 -4.07 17.20
C VAL B 3 16.00 -5.25 16.70
N ASN B 4 14.68 -5.10 16.73
CA ASN B 4 13.76 -6.15 16.27
C ASN B 4 14.04 -7.49 16.97
N SER B 5 14.27 -7.43 18.28
N SER B 5 14.28 -7.43 18.29
CA SER B 5 14.56 -8.62 19.07
CA SER B 5 14.57 -8.63 19.09
C SER B 5 13.27 -9.09 19.73
C SER B 5 13.27 -9.10 19.74
N PHE B 6 12.42 -9.72 18.92
CA PHE B 6 11.14 -10.25 19.37
C PHE B 6 11.36 -11.60 20.03
N SER B 7 10.76 -11.80 21.21
CA SER B 7 10.86 -13.07 21.92
C SER B 7 9.56 -13.44 22.62
N GLY B 8 9.31 -14.75 22.68
CA GLY B 8 8.14 -15.29 23.36
C GLY B 8 6.89 -15.21 22.52
N TYR B 9 7.01 -15.04 21.20
CA TYR B 9 5.86 -15.03 20.31
C TYR B 9 5.48 -16.43 19.87
N LEU B 10 4.18 -16.62 19.71
CA LEU B 10 3.60 -17.84 19.19
C LEU B 10 3.36 -17.66 17.69
N LYS B 11 3.82 -18.63 16.93
N LYS B 11 3.89 -18.60 16.89
CA LYS B 11 3.71 -18.59 15.49
CA LYS B 11 3.73 -18.56 15.44
C LYS B 11 2.30 -19.00 15.08
C LYS B 11 2.32 -18.98 15.08
N LEU B 12 1.61 -18.14 14.33
CA LEU B 12 0.30 -18.48 13.76
C LEU B 12 0.40 -18.92 12.31
N THR B 13 1.18 -18.17 11.52
CA THR B 13 1.47 -18.51 10.14
C THR B 13 2.96 -18.25 9.93
N ASP B 14 3.43 -18.48 8.72
CA ASP B 14 4.86 -18.27 8.45
C ASP B 14 5.28 -16.82 8.69
N ASN B 15 4.34 -15.86 8.69
CA ASN B 15 4.70 -14.46 8.86
C ASN B 15 3.94 -13.72 9.94
N VAL B 16 3.01 -14.37 10.65
CA VAL B 16 2.21 -13.70 11.68
C VAL B 16 2.46 -14.40 13.01
N TYR B 17 2.85 -13.60 14.01
CA TYR B 17 3.23 -14.07 15.34
C TYR B 17 2.41 -13.28 16.36
N ILE B 18 2.20 -13.86 17.55
CA ILE B 18 1.31 -13.22 18.53
C ILE B 18 1.84 -13.46 19.93
N LYS B 19 1.64 -12.47 20.81
CA LYS B 19 2.11 -12.52 22.19
C LYS B 19 1.13 -11.78 23.08
N ASN B 20 0.94 -12.29 24.30
CA ASN B 20 0.18 -11.58 25.33
C ASN B 20 1.15 -10.58 25.96
N ALA B 21 1.00 -9.30 25.62
CA ALA B 21 1.97 -8.29 26.02
C ALA B 21 1.36 -6.91 25.89
N ASP B 22 1.89 -5.98 26.69
CA ASP B 22 1.63 -4.55 26.60
C ASP B 22 2.53 -3.98 25.50
N ILE B 23 1.92 -3.43 24.43
CA ILE B 23 2.69 -3.02 23.25
C ILE B 23 3.72 -1.95 23.57
N VAL B 24 3.47 -1.09 24.54
CA VAL B 24 4.46 -0.08 24.93
C VAL B 24 5.67 -0.77 25.57
N GLU B 25 5.43 -1.67 26.52
CA GLU B 25 6.52 -2.40 27.14
C GLU B 25 7.26 -3.24 26.11
N GLU B 26 6.53 -3.86 25.19
CA GLU B 26 7.17 -4.63 24.12
C GLU B 26 8.05 -3.74 23.27
N ALA B 27 7.55 -2.58 22.86
CA ALA B 27 8.34 -1.69 22.02
C ALA B 27 9.64 -1.30 22.71
N LYS B 28 9.58 -1.00 24.00
CA LYS B 28 10.79 -0.58 24.70
C LYS B 28 11.80 -1.71 24.81
N LYS B 29 11.33 -2.94 24.85
N LYS B 29 11.33 -2.97 24.90
CA LYS B 29 12.23 -4.07 24.98
CA LYS B 29 12.22 -4.13 24.99
C LYS B 29 12.75 -4.58 23.62
C LYS B 29 12.76 -4.54 23.61
N VAL B 30 11.87 -4.69 22.64
CA VAL B 30 12.20 -5.23 21.31
C VAL B 30 13.02 -4.26 20.49
N LYS B 31 12.83 -2.96 20.70
N LYS B 31 12.80 -2.98 20.69
CA LYS B 31 13.43 -1.92 19.88
CA LYS B 31 13.44 -1.95 19.90
C LYS B 31 13.11 -2.14 18.40
C LYS B 31 13.12 -2.17 18.42
N PRO B 32 11.83 -2.13 18.03
CA PRO B 32 11.46 -2.41 16.63
C PRO B 32 11.77 -1.24 15.70
N THR B 33 12.04 -1.58 14.44
CA THR B 33 12.11 -0.55 13.41
C THR B 33 10.77 0.17 13.27
N VAL B 34 9.66 -0.56 13.37
CA VAL B 34 8.33 0.01 13.18
C VAL B 34 7.40 -0.48 14.28
N VAL B 35 6.76 0.47 14.96
CA VAL B 35 5.60 0.15 15.79
C VAL B 35 4.37 0.76 15.11
N VAL B 36 3.29 -0.02 15.04
CA VAL B 36 2.05 0.45 14.43
C VAL B 36 1.18 1.09 15.51
N ASN B 37 0.63 2.25 15.18
CA ASN B 37 -0.39 2.90 15.99
C ASN B 37 -1.77 2.66 15.38
N ALA B 38 -2.72 2.39 16.26
CA ALA B 38 -4.15 2.33 15.92
C ALA B 38 -4.69 3.77 15.89
N ALA B 39 -4.44 4.44 14.76
CA ALA B 39 -4.70 5.85 14.58
C ALA B 39 -6.11 6.13 14.06
N ASN B 40 -6.49 7.40 14.14
CA ASN B 40 -7.66 7.94 13.47
C ASN B 40 -7.20 8.99 12.45
N VAL B 41 -8.13 9.48 11.62
CA VAL B 41 -7.72 10.26 10.46
C VAL B 41 -7.06 11.59 10.83
N TYR B 42 -7.39 12.15 11.99
CA TYR B 42 -6.77 13.40 12.44
C TYR B 42 -5.63 13.18 13.42
N LEU B 43 -5.20 11.94 13.59
CA LEU B 43 -4.07 11.61 14.46
C LEU B 43 -4.25 12.23 15.84
N LYS B 44 -5.46 12.12 16.39
CA LYS B 44 -5.77 12.56 17.75
C LYS B 44 -5.68 11.33 18.63
N HIS B 45 -4.59 11.25 19.41
CA HIS B 45 -4.22 10.02 20.10
C HIS B 45 -4.80 10.00 21.51
N GLY B 46 -6.11 9.80 21.59
CA GLY B 46 -6.79 9.91 22.89
C GLY B 46 -6.85 8.66 23.74
N GLY B 47 -7.25 7.55 23.13
CA GLY B 47 -7.68 6.38 23.86
C GLY B 47 -6.96 5.13 23.36
N GLY B 48 -7.17 4.02 24.06
CA GLY B 48 -6.65 2.75 23.60
C GLY B 48 -5.17 2.79 23.32
N VAL B 49 -4.78 2.10 22.25
CA VAL B 49 -3.36 2.00 21.88
C VAL B 49 -2.77 3.38 21.64
N ALA B 50 -3.47 4.23 20.88
CA ALA B 50 -2.88 5.52 20.52
C ALA B 50 -2.63 6.37 21.76
N GLY B 51 -3.56 6.36 22.72
CA GLY B 51 -3.35 7.12 23.94
C GLY B 51 -2.15 6.60 24.71
N ALA B 52 -1.98 5.27 24.76
CA ALA B 52 -0.85 4.68 25.48
C ALA B 52 0.47 5.00 24.81
N LEU B 53 0.54 4.86 23.48
CA LEU B 53 1.78 5.19 22.78
C LEU B 53 2.13 6.67 22.97
N ASN B 54 1.14 7.55 22.79
CA ASN B 54 1.42 8.97 22.94
C ASN B 54 1.90 9.31 24.35
N LYS B 55 1.24 8.76 25.36
CA LYS B 55 1.66 9.00 26.74
C LYS B 55 3.10 8.55 26.96
N ALA B 56 3.50 7.41 26.39
CA ALA B 56 4.86 6.93 26.57
C ALA B 56 5.87 7.91 25.99
N THR B 57 5.48 8.65 24.94
CA THR B 57 6.33 9.66 24.33
C THR B 57 6.24 11.01 25.04
N ASN B 58 5.54 11.10 26.16
CA ASN B 58 5.37 12.36 26.87
C ASN B 58 4.77 13.42 25.94
N ASN B 59 3.80 13.01 25.12
CA ASN B 59 3.01 13.87 24.22
C ASN B 59 3.81 14.32 22.99
N ALA B 60 5.06 13.89 22.81
CA ALA B 60 5.79 14.29 21.61
C ALA B 60 5.13 13.78 20.34
N MET B 61 4.56 12.57 20.40
CA MET B 61 3.86 12.03 19.26
C MET B 61 2.70 12.93 18.85
N GLN B 62 1.92 13.44 19.82
CA GLN B 62 0.79 14.28 19.49
C GLN B 62 1.23 15.61 18.88
N VAL B 63 2.30 16.22 19.42
CA VAL B 63 2.79 17.48 18.86
C VAL B 63 3.23 17.27 17.41
N GLU B 64 3.99 16.21 17.17
CA GLU B 64 4.45 15.90 15.81
C GLU B 64 3.26 15.62 14.89
N SER B 65 2.26 14.90 15.40
CA SER B 65 1.08 14.56 14.62
C SER B 65 0.29 15.79 14.22
N ASP B 66 0.09 16.73 15.16
CA ASP B 66 -0.67 17.95 14.84
C ASP B 66 0.04 18.75 13.75
N ASP B 67 1.38 18.80 13.79
CA ASP B 67 2.12 19.47 12.73
C ASP B 67 1.96 18.74 11.40
N TYR B 68 2.01 17.41 11.40
CA TYR B 68 1.76 16.64 10.18
C TYR B 68 0.40 16.99 9.59
N ILE B 69 -0.64 17.04 10.43
CA ILE B 69 -2.00 17.33 9.95
C ILE B 69 -2.08 18.75 9.39
N ALA B 70 -1.43 19.72 10.05
CA ALA B 70 -1.46 21.08 9.54
C ALA B 70 -0.89 21.15 8.13
N THR B 71 0.16 20.37 7.87
CA THR B 71 0.84 20.40 6.57
C THR B 71 0.10 19.57 5.51
N ASN B 72 -0.48 18.43 5.91
CA ASN B 72 -0.95 17.42 4.97
C ASN B 72 -2.45 17.16 5.00
N GLY B 73 -3.17 17.64 6.01
CA GLY B 73 -4.56 17.28 6.16
C GLY B 73 -4.75 15.87 6.67
N PRO B 74 -6.00 15.49 6.90
CA PRO B 74 -6.28 14.19 7.51
C PRO B 74 -5.97 13.03 6.57
N LEU B 75 -5.68 11.88 7.17
CA LEU B 75 -5.55 10.63 6.44
C LEU B 75 -6.92 10.16 5.97
N LYS B 76 -6.92 9.15 5.08
CA LYS B 76 -8.11 8.40 4.71
C LYS B 76 -8.26 7.19 5.63
N VAL B 77 -9.52 6.81 5.91
CA VAL B 77 -9.75 5.51 6.55
C VAL B 77 -9.19 4.44 5.62
N GLY B 78 -8.35 3.55 6.15
CA GLY B 78 -7.63 2.56 5.39
C GLY B 78 -6.22 2.99 5.02
N GLY B 79 -5.86 4.25 5.27
CA GLY B 79 -4.56 4.78 4.93
C GLY B 79 -3.61 4.83 6.12
N SER B 80 -2.43 5.38 5.87
CA SER B 80 -1.38 5.42 6.88
C SER B 80 -0.41 6.56 6.60
N CYS B 81 0.40 6.87 7.61
CA CYS B 81 1.59 7.69 7.41
C CYS B 81 2.68 7.21 8.35
N VAL B 82 3.92 7.48 7.95
CA VAL B 82 5.10 7.15 8.75
C VAL B 82 5.59 8.41 9.44
N LEU B 83 5.69 8.35 10.76
CA LEU B 83 6.25 9.43 11.57
C LEU B 83 7.32 8.84 12.49
N SER B 84 7.90 9.69 13.34
CA SER B 84 8.92 9.19 14.26
C SER B 84 8.34 8.19 15.24
N GLY B 85 9.20 7.26 15.68
CA GLY B 85 8.87 6.35 16.76
C GLY B 85 9.31 6.82 18.13
N HIS B 86 9.97 7.98 18.25
CA HIS B 86 10.28 8.59 19.56
C HIS B 86 11.08 7.60 20.39
N ASN B 87 10.66 7.32 21.63
CA ASN B 87 11.35 6.38 22.50
C ASN B 87 10.82 4.95 22.36
N LEU B 88 10.02 4.67 21.34
CA LEU B 88 9.38 3.37 21.15
C LEU B 88 9.95 2.57 19.99
N ALA B 89 10.43 3.24 18.94
CA ALA B 89 10.76 2.56 17.70
C ALA B 89 11.49 3.58 16.83
N LYS B 90 12.11 3.08 15.75
CA LYS B 90 12.64 4.03 14.77
C LYS B 90 11.50 4.85 14.18
N HIS B 91 10.43 4.17 13.75
CA HIS B 91 9.29 4.80 13.12
C HIS B 91 8.01 4.33 13.79
N CYS B 92 7.01 5.20 13.75
CA CYS B 92 5.63 4.79 14.04
C CYS B 92 4.83 4.86 12.73
N LEU B 93 4.24 3.73 12.36
CA LEU B 93 3.31 3.68 11.24
C LEU B 93 1.90 3.87 11.79
N HIS B 94 1.33 5.05 11.54
CA HIS B 94 -0.02 5.38 11.98
C HIS B 94 -0.98 4.85 10.95
N VAL B 95 -1.77 3.82 11.30
CA VAL B 95 -2.67 3.16 10.36
C VAL B 95 -4.09 3.36 10.84
N VAL B 96 -4.97 3.79 9.95
CA VAL B 96 -6.38 4.06 10.27
C VAL B 96 -7.23 2.86 9.83
N GLY B 97 -7.63 2.03 10.78
CA GLY B 97 -8.63 1.02 10.53
C GLY B 97 -10.01 1.63 10.69
N PRO B 98 -11.03 1.01 10.09
CA PRO B 98 -12.39 1.48 10.29
C PRO B 98 -12.83 1.34 11.74
N ASN B 99 -13.50 2.38 12.24
CA ASN B 99 -14.08 2.38 13.59
C ASN B 99 -15.56 2.02 13.49
N VAL B 100 -15.87 0.75 13.76
CA VAL B 100 -17.27 0.26 13.71
C VAL B 100 -18.13 0.99 14.74
N ASN B 101 -17.54 1.41 15.87
CA ASN B 101 -18.30 2.18 16.86
C ASN B 101 -18.69 3.56 16.33
N LYS B 102 -18.13 3.96 15.18
N LYS B 102 -18.12 3.99 15.21
CA LYS B 102 -18.51 5.20 14.51
CA LYS B 102 -18.52 5.24 14.56
C LYS B 102 -19.18 4.94 13.18
C LYS B 102 -19.25 4.97 13.25
N GLY B 103 -19.59 3.71 12.98
CA GLY B 103 -20.34 3.31 11.80
C GLY B 103 -19.53 3.21 10.52
N GLU B 104 -18.20 3.04 10.61
CA GLU B 104 -17.37 2.98 9.42
C GLU B 104 -17.36 1.55 8.88
N ASP B 105 -17.12 1.42 7.57
CA ASP B 105 -17.30 0.12 6.90
C ASP B 105 -16.15 -0.81 7.26
N ILE B 106 -16.47 -1.90 7.97
CA ILE B 106 -15.51 -2.94 8.32
C ILE B 106 -14.77 -3.47 7.10
N GLN B 107 -15.38 -3.34 5.90
CA GLN B 107 -14.72 -3.79 4.68
C GLN B 107 -13.38 -3.07 4.44
N LEU B 108 -13.18 -1.88 5.00
CA LEU B 108 -11.93 -1.12 4.83
C LEU B 108 -10.77 -1.68 5.64
N LEU B 109 -11.03 -2.69 6.46
CA LEU B 109 -9.98 -3.27 7.28
C LEU B 109 -8.88 -3.92 6.43
N LYS B 110 -9.24 -4.55 5.30
CA LYS B 110 -8.21 -5.15 4.46
C LYS B 110 -7.27 -4.08 3.91
N SER B 111 -7.83 -2.96 3.40
CA SER B 111 -6.99 -1.86 2.94
C SER B 111 -6.07 -1.37 4.04
N ALA B 112 -6.58 -1.27 5.27
CA ALA B 112 -5.75 -0.81 6.37
C ALA B 112 -4.57 -1.76 6.60
N TYR B 113 -4.82 -3.07 6.61
CA TYR B 113 -3.73 -4.01 6.81
C TYR B 113 -2.73 -4.01 5.66
N GLU B 114 -3.16 -3.69 4.43
CA GLU B 114 -2.22 -3.66 3.31
C GLU B 114 -1.06 -2.70 3.57
N ASN B 115 -1.26 -1.67 4.40
CA ASN B 115 -0.16 -0.76 4.71
C ASN B 115 1.01 -1.51 5.35
N PHE B 116 0.73 -2.59 6.08
CA PHE B 116 1.80 -3.30 6.75
C PHE B 116 2.78 -3.91 5.74
N ASN B 117 2.32 -4.21 4.52
CA ASN B 117 3.18 -4.85 3.52
C ASN B 117 4.29 -3.95 3.02
N GLN B 118 4.28 -2.67 3.35
CA GLN B 118 5.35 -1.76 2.98
C GLN B 118 6.51 -1.79 3.97
N HIS B 119 6.48 -2.67 4.98
CA HIS B 119 7.51 -2.75 6.01
C HIS B 119 7.85 -4.21 6.24
N GLU B 120 9.15 -4.54 6.27
N GLU B 120 9.15 -4.54 6.27
CA GLU B 120 9.53 -5.95 6.32
CA GLU B 120 9.54 -5.95 6.33
C GLU B 120 9.18 -6.59 7.65
C GLU B 120 9.19 -6.59 7.66
N VAL B 121 9.22 -5.82 8.74
CA VAL B 121 8.89 -6.33 10.07
C VAL B 121 8.26 -5.22 10.89
N LEU B 122 7.20 -5.56 11.64
CA LEU B 122 6.44 -4.58 12.44
C LEU B 122 6.00 -5.20 13.76
N LEU B 123 5.98 -4.36 14.80
CA LEU B 123 5.26 -4.64 16.04
C LEU B 123 3.91 -3.93 15.94
N ALA B 124 2.80 -4.65 16.17
CA ALA B 124 1.51 -4.05 15.87
C ALA B 124 0.42 -4.52 16.83
N PRO B 125 -0.64 -3.72 16.99
CA PRO B 125 -1.90 -4.18 17.57
C PRO B 125 -2.81 -4.71 16.46
N LEU B 126 -3.88 -5.39 16.88
CA LEU B 126 -4.92 -5.77 15.93
C LEU B 126 -5.73 -4.55 15.53
N LEU B 127 -5.77 -4.27 14.23
CA LEU B 127 -6.45 -3.09 13.76
C LEU B 127 -7.96 -3.22 13.94
N SER B 128 -8.59 -2.08 14.22
CA SER B 128 -10.03 -1.93 14.42
C SER B 128 -10.56 -2.68 15.63
N ALA B 129 -9.67 -3.28 16.46
CA ALA B 129 -10.08 -3.94 17.68
C ALA B 129 -10.32 -2.94 18.79
N GLY B 130 -10.77 -3.45 19.94
CA GLY B 130 -10.86 -2.64 21.14
C GLY B 130 -11.85 -1.52 20.96
N ILE B 131 -11.38 -0.29 21.24
CA ILE B 131 -12.27 0.86 21.20
C ILE B 131 -12.77 1.17 19.80
N PHE B 132 -12.18 0.55 18.77
CA PHE B 132 -12.68 0.70 17.40
C PHE B 132 -13.83 -0.25 17.09
N GLY B 133 -14.12 -1.24 17.95
CA GLY B 133 -15.39 -1.96 17.90
C GLY B 133 -15.50 -3.16 16.97
N ALA B 134 -14.47 -3.51 16.21
CA ALA B 134 -14.56 -4.70 15.38
C ALA B 134 -14.28 -5.95 16.22
N ASP B 135 -14.75 -7.09 15.71
CA ASP B 135 -14.46 -8.38 16.32
C ASP B 135 -12.97 -8.66 16.19
N PRO B 136 -12.22 -8.80 17.29
CA PRO B 136 -10.78 -9.07 17.16
C PRO B 136 -10.48 -10.37 16.43
N ILE B 137 -11.37 -11.37 16.52
CA ILE B 137 -11.17 -12.61 15.77
C ILE B 137 -11.18 -12.32 14.27
N HIS B 138 -12.09 -11.46 13.85
CA HIS B 138 -12.10 -11.06 12.44
C HIS B 138 -10.87 -10.25 12.07
N SER B 139 -10.40 -9.38 12.97
CA SER B 139 -9.23 -8.59 12.66
C SER B 139 -8.03 -9.49 12.45
N LEU B 140 -7.89 -10.52 13.28
CA LEU B 140 -6.79 -11.46 13.12
C LEU B 140 -6.91 -12.19 11.79
N ARG B 141 -8.12 -12.60 11.43
CA ARG B 141 -8.40 -13.22 10.13
C ARG B 141 -7.91 -12.36 8.99
N VAL B 142 -8.33 -11.10 8.97
CA VAL B 142 -7.93 -10.22 7.89
C VAL B 142 -6.43 -10.00 7.90
N CYS B 143 -5.83 -9.87 9.10
CA CYS B 143 -4.38 -9.73 9.19
C CYS B 143 -3.68 -10.90 8.51
N VAL B 144 -4.05 -12.11 8.88
CA VAL B 144 -3.38 -13.29 8.33
C VAL B 144 -3.59 -13.41 6.83
N ASP B 145 -4.75 -13.00 6.35
CA ASP B 145 -5.09 -13.15 4.94
C ASP B 145 -4.59 -11.98 4.10
N THR B 146 -4.01 -10.96 4.71
CA THR B 146 -3.59 -9.75 3.98
C THR B 146 -2.11 -9.45 4.13
N VAL B 147 -1.57 -9.57 5.34
CA VAL B 147 -0.18 -9.19 5.59
C VAL B 147 0.71 -10.34 5.17
N ARG B 148 1.75 -10.01 4.41
CA ARG B 148 2.75 -10.98 3.97
C ARG B 148 4.12 -10.73 4.57
N THR B 149 4.37 -9.53 5.10
CA THR B 149 5.60 -9.21 5.82
C THR B 149 5.47 -9.73 7.25
N ASN B 150 6.53 -9.59 8.03
CA ASN B 150 6.59 -10.21 9.34
C ASN B 150 5.93 -9.31 10.38
N VAL B 151 4.80 -9.74 10.92
CA VAL B 151 4.05 -8.93 11.87
C VAL B 151 3.97 -9.66 13.21
N TYR B 152 4.37 -8.94 14.26
CA TYR B 152 4.39 -9.39 15.64
C TYR B 152 3.26 -8.65 16.37
N LEU B 153 2.18 -9.36 16.68
CA LEU B 153 0.99 -8.80 17.29
C LEU B 153 1.08 -8.88 18.81
N ALA B 154 0.82 -7.75 19.46
CA ALA B 154 0.77 -7.67 20.91
C ALA B 154 -0.69 -7.53 21.34
N VAL B 155 -1.14 -8.45 22.18
CA VAL B 155 -2.50 -8.47 22.71
C VAL B 155 -2.40 -8.33 24.23
N PHE B 156 -2.95 -7.24 24.76
CA PHE B 156 -2.79 -6.92 26.18
C PHE B 156 -3.49 -7.91 27.11
N ASP B 157 -4.76 -8.20 26.85
CA ASP B 157 -5.54 -9.01 27.78
C ASP B 157 -5.29 -10.50 27.53
N LYS B 158 -4.75 -11.21 28.54
CA LYS B 158 -4.53 -12.67 28.44
C LYS B 158 -5.80 -13.40 27.98
N ASN B 159 -6.97 -12.99 28.46
CA ASN B 159 -8.20 -13.71 28.11
C ASN B 159 -8.57 -13.50 26.63
N LEU B 160 -8.29 -12.32 26.07
CA LEU B 160 -8.52 -12.14 24.65
C LEU B 160 -7.46 -12.89 23.84
N TYR B 161 -6.20 -12.85 24.30
CA TYR B 161 -5.14 -13.62 23.67
C TYR B 161 -5.54 -15.08 23.56
N ASP B 162 -6.02 -15.66 24.66
CA ASP B 162 -6.42 -17.06 24.65
C ASP B 162 -7.57 -17.31 23.68
N LYS B 163 -8.55 -16.40 23.63
CA LYS B 163 -9.66 -16.54 22.70
C LYS B 163 -9.18 -16.49 21.25
N LEU B 164 -8.22 -15.61 20.95
CA LEU B 164 -7.68 -15.49 19.60
C LEU B 164 -6.88 -16.73 19.19
N VAL B 165 -5.98 -17.20 20.07
CA VAL B 165 -5.13 -18.35 19.76
C VAL B 165 -5.97 -19.61 19.67
N SER B 166 -6.83 -19.81 20.68
CA SER B 166 -7.58 -21.05 20.79
C SER B 166 -8.54 -21.24 19.62
N SER B 167 -9.06 -20.14 19.05
CA SER B 167 -10.01 -20.21 17.95
C SER B 167 -9.37 -20.07 16.57
N PHE B 168 -8.06 -19.77 16.50
CA PHE B 168 -7.44 -19.54 15.19
C PHE B 168 -7.40 -20.83 14.38
N LEU B 169 -7.20 -21.95 15.07
CA LEU B 169 -7.10 -23.27 14.44
C LEU B 169 -7.67 -24.37 15.31
#